data_6PXN
#
_entry.id   6PXN
#
_cell.length_a   50.081
_cell.length_b   129.640
_cell.length_c   51.860
_cell.angle_alpha   90.00
_cell.angle_beta   113.41
_cell.angle_gamma   90.00
#
_symmetry.space_group_name_H-M   'P 1 21 1'
#
loop_
_entity.id
_entity.type
_entity.pdbx_description
1 polymer 'Casein kinase I isoform delta'
2 non-polymer 'SULFATE ION'
3 water water
#
_entity_poly.entity_id   1
_entity_poly.type   'polypeptide(L)'
_entity_poly.pdbx_seq_one_letter_code
;MELRVGNRYRLGRKIGSGSFGDIYLGTDIAAGEEVAIKLECVKTKHPQLHIESKIYKMMQGGVGIPTIRWCGAEGDYNVM
VMELLGPSLEDLFNFCSRKFSLKTVLLLADQMISRIEYIHSKNFIHRDVKPDNFLMGLGKKGNLVYIIDFGLAKKYRDAR
THQHIPYRENKNLTGTACYASINTHLGIEQSRRDDLESLGYVLMYFNLGSLPWQGLKAATKRQKYERISEKKMSTPIEVL
CKGYPSEFATYLNFCRSLRFDDKPDYSYLRQLFRNLFHRQGFSYDYVFDWNMLKFGASRAADDAERERRDREERLRHSRN
PATRGLPSTASGRLRGTQEVAPPTPLTPTSHTANTSPRPVSGMERERKVSMRLHRGAPVNISSSDLTGRQDTSRMSTSQI
PGRVASSGLQSVVHR
;
_entity_poly.pdbx_strand_id   A,B
#
loop_
_chem_comp.id
_chem_comp.type
_chem_comp.name
_chem_comp.formula
SO4 non-polymer 'SULFATE ION' 'O4 S -2'
#
# COMPACT_ATOMS: atom_id res chain seq x y z
N GLU A 2 -24.72 -3.47 -1.31
CA GLU A 2 -23.38 -3.15 -1.82
C GLU A 2 -22.81 -1.91 -1.13
N LEU A 3 -21.58 -1.99 -0.64
CA LEU A 3 -21.03 -0.88 0.12
C LEU A 3 -20.59 0.20 -0.85
N ARG A 4 -21.22 1.37 -0.76
CA ARG A 4 -20.96 2.46 -1.70
C ARG A 4 -20.70 3.74 -0.92
N VAL A 5 -19.96 4.66 -1.56
CA VAL A 5 -19.81 6.03 -1.08
C VAL A 5 -20.93 6.84 -1.70
N GLY A 6 -21.68 7.53 -0.85
CA GLY A 6 -22.91 8.13 -1.33
C GLY A 6 -23.75 7.01 -1.89
N ASN A 7 -24.27 7.21 -3.09
CA ASN A 7 -24.99 6.19 -3.83
C ASN A 7 -24.28 5.82 -5.11
N ARG A 8 -23.07 6.34 -5.34
CA ARG A 8 -22.42 6.38 -6.63
C ARG A 8 -21.14 5.57 -6.73
N TYR A 9 -20.31 5.56 -5.70
CA TYR A 9 -18.98 4.99 -5.82
C TYR A 9 -18.88 3.72 -5.00
N ARG A 10 -18.79 2.59 -5.69
CA ARG A 10 -18.55 1.32 -5.04
C ARG A 10 -17.15 1.31 -4.42
N LEU A 11 -17.07 0.90 -3.15
CA LEU A 11 -15.81 0.85 -2.43
C LEU A 11 -15.10 -0.47 -2.64
N GLY A 12 -13.81 -0.36 -2.97
CA GLY A 12 -12.97 -1.51 -3.18
C GLY A 12 -11.81 -1.60 -2.21
N ARG A 13 -10.81 -2.35 -2.63
CA ARG A 13 -9.65 -2.66 -1.80
C ARG A 13 -8.76 -1.43 -1.58
N LYS A 14 -7.98 -1.50 -0.50
CA LYS A 14 -6.96 -0.49 -0.26
C LYS A 14 -5.96 -0.42 -1.42
N ILE A 15 -5.60 0.79 -1.82
CA ILE A 15 -4.62 0.96 -2.88
C ILE A 15 -3.45 1.81 -2.44
N GLY A 16 -3.48 2.38 -1.24
CA GLY A 16 -2.35 3.12 -0.76
C GLY A 16 -2.66 3.92 0.49
N SER A 17 -1.71 4.80 0.79
CA SER A 17 -1.72 5.66 1.96
C SER A 17 -1.55 7.09 1.47
N GLY A 18 -2.14 8.03 2.19
CA GLY A 18 -1.79 9.41 2.02
C GLY A 18 -1.70 10.09 3.35
N SER A 19 -1.51 11.39 3.34
CA SER A 19 -1.47 12.11 4.60
C SER A 19 -2.79 11.95 5.35
N PHE A 20 -2.71 11.42 6.57
CA PHE A 20 -3.83 11.36 7.51
C PHE A 20 -4.94 10.44 7.04
N GLY A 21 -4.66 9.53 6.13
CA GLY A 21 -5.72 8.60 5.79
C GLY A 21 -5.35 7.65 4.67
N ASP A 22 -5.96 6.49 4.60
CA ASP A 22 -5.66 5.55 3.55
C ASP A 22 -6.54 5.81 2.33
N ILE A 23 -6.12 5.23 1.22
CA ILE A 23 -6.79 5.39 -0.07
C ILE A 23 -7.28 4.03 -0.54
N TYR A 24 -8.52 4.00 -1.04
CA TYR A 24 -9.19 2.79 -1.53
C TYR A 24 -9.63 3.00 -2.97
N LEU A 25 -9.71 1.90 -3.73
CA LEU A 25 -10.15 1.91 -5.14
C LEU A 25 -11.66 2.15 -5.17
N GLY A 26 -12.18 2.89 -6.14
CA GLY A 26 -13.61 3.19 -6.26
C GLY A 26 -14.10 2.96 -7.67
N THR A 27 -15.36 2.57 -7.84
CA THR A 27 -15.91 2.33 -9.20
C THR A 27 -17.27 3.04 -9.32
N ASP A 28 -17.32 4.12 -10.11
CA ASP A 28 -18.61 4.82 -10.35
C ASP A 28 -19.59 3.75 -10.83
N ILE A 29 -20.56 3.33 -10.00
CA ILE A 29 -21.46 2.22 -10.33
C ILE A 29 -22.08 2.43 -11.71
N ALA A 30 -22.45 3.67 -12.02
CA ALA A 30 -23.06 3.96 -13.30
C ALA A 30 -22.02 4.19 -14.39
N ALA A 31 -21.15 5.19 -14.19
CA ALA A 31 -20.24 5.59 -15.25
C ALA A 31 -19.17 4.57 -15.56
N GLY A 32 -18.86 3.65 -14.65
CA GLY A 32 -17.80 2.69 -14.88
C GLY A 32 -16.41 3.22 -14.61
N GLU A 33 -16.28 4.54 -14.41
CA GLU A 33 -14.98 5.22 -14.19
C GLU A 33 -14.40 4.83 -12.81
N GLU A 34 -13.11 4.47 -12.77
CA GLU A 34 -12.40 4.10 -11.53
C GLU A 34 -11.93 5.38 -10.85
N VAL A 35 -12.11 5.52 -9.53
CA VAL A 35 -11.70 6.67 -8.75
C VAL A 35 -10.86 6.16 -7.59
N ALA A 36 -10.23 7.08 -6.89
CA ALA A 36 -9.58 6.82 -5.62
C ALA A 36 -10.41 7.48 -4.52
N ILE A 37 -10.56 6.79 -3.41
CA ILE A 37 -11.34 7.29 -2.29
C ILE A 37 -10.46 7.32 -1.06
N LYS A 38 -10.28 8.52 -0.52
CA LYS A 38 -9.50 8.75 0.67
C LYS A 38 -10.45 8.80 1.86
N LEU A 39 -10.09 8.06 2.90
CA LEU A 39 -10.92 7.99 4.10
C LEU A 39 -10.10 8.47 5.29
N GLU A 40 -10.71 9.33 6.12
CA GLU A 40 -10.11 9.78 7.37
C GLU A 40 -11.06 9.47 8.52
N CYS A 41 -10.55 8.71 9.48
CA CYS A 41 -11.32 8.46 10.68
C CYS A 41 -11.69 9.76 11.38
N VAL A 42 -12.97 9.95 11.73
CA VAL A 42 -13.47 11.21 12.34
C VAL A 42 -13.04 11.29 13.79
N LYS A 43 -12.60 10.23 14.42
CA LYS A 43 -12.19 10.26 15.83
C LYS A 43 -10.83 10.90 16.01
N THR A 44 -10.77 12.23 15.93
CA THR A 44 -9.54 13.03 16.08
C THR A 44 -9.93 14.47 16.43
N LYS A 45 -9.24 15.12 17.37
CA LYS A 45 -9.50 16.52 17.78
C LYS A 45 -8.97 17.47 16.68
N HIS A 46 -8.10 17.00 15.79
CA HIS A 46 -7.55 17.78 14.65
C HIS A 46 -7.85 17.08 13.31
N PRO A 47 -9.04 17.23 12.69
CA PRO A 47 -9.34 16.58 11.40
C PRO A 47 -8.63 17.34 10.27
N GLN A 48 -8.27 16.68 9.16
CA GLN A 48 -7.51 17.29 8.09
C GLN A 48 -8.11 17.13 6.70
N LEU A 49 -8.95 16.14 6.45
CA LEU A 49 -9.33 15.85 5.08
C LEU A 49 -10.16 16.97 4.48
N HIS A 50 -11.06 17.59 5.26
CA HIS A 50 -11.87 18.69 4.76
C HIS A 50 -10.99 19.84 4.32
N ILE A 51 -10.02 20.20 5.17
CA ILE A 51 -9.06 21.25 4.82
C ILE A 51 -8.34 20.89 3.53
N GLU A 52 -7.89 19.65 3.42
CA GLU A 52 -7.17 19.24 2.22
C GLU A 52 -8.06 19.38 1.00
N SER A 53 -9.33 18.99 1.11
CA SER A 53 -10.22 19.10 -0.04
C SER A 53 -10.38 20.55 -0.48
N LYS A 54 -10.41 21.47 0.48
CA LYS A 54 -10.52 22.91 0.20
C LYS A 54 -9.32 23.38 -0.61
N ILE A 55 -8.12 22.90 -0.26
CA ILE A 55 -6.91 23.29 -0.98
C ILE A 55 -6.95 22.74 -2.40
N TYR A 56 -7.28 21.45 -2.57
CA TYR A 56 -7.46 20.92 -3.92
C TYR A 56 -8.43 21.78 -4.72
N LYS A 57 -9.53 22.19 -4.11
CA LYS A 57 -10.54 22.98 -4.81
C LYS A 57 -9.98 24.34 -5.21
N MET A 58 -9.14 24.94 -4.36
CA MET A 58 -8.49 26.20 -4.73
C MET A 58 -7.48 26.01 -5.84
N MET A 59 -6.99 24.78 -6.04
CA MET A 59 -6.04 24.50 -7.10
C MET A 59 -6.68 24.02 -8.39
N GLN A 60 -7.99 23.80 -8.41
CA GLN A 60 -8.63 23.08 -9.50
C GLN A 60 -8.47 23.86 -10.79
N GLY A 61 -8.32 23.13 -11.90
CA GLY A 61 -8.11 23.74 -13.18
C GLY A 61 -6.64 23.94 -13.52
N GLY A 62 -5.75 23.86 -12.54
CA GLY A 62 -4.34 23.92 -12.83
C GLY A 62 -3.91 22.67 -13.58
N VAL A 63 -2.91 22.84 -14.45
CA VAL A 63 -2.35 21.69 -15.15
C VAL A 63 -1.78 20.73 -14.13
N GLY A 64 -2.14 19.44 -14.25
CA GLY A 64 -1.54 18.46 -13.38
C GLY A 64 -2.04 18.47 -11.95
N ILE A 65 -3.25 18.97 -11.71
CA ILE A 65 -3.88 18.94 -10.41
C ILE A 65 -5.07 17.98 -10.55
N PRO A 66 -5.16 16.94 -9.73
CA PRO A 66 -6.33 16.06 -9.86
C PRO A 66 -7.60 16.74 -9.38
N THR A 67 -8.69 16.33 -10.01
CA THR A 67 -10.04 16.71 -9.62
C THR A 67 -10.45 15.90 -8.39
N ILE A 68 -11.10 16.56 -7.42
CA ILE A 68 -11.58 15.87 -6.22
C ILE A 68 -13.01 16.28 -5.89
N ARG A 69 -13.62 15.45 -5.02
CA ARG A 69 -14.97 15.66 -4.50
C ARG A 69 -14.95 15.41 -2.99
N TRP A 70 -15.24 16.45 -2.21
CA TRP A 70 -15.46 16.30 -0.77
C TRP A 70 -16.85 15.76 -0.53
N CYS A 71 -16.95 14.70 0.25
CA CYS A 71 -18.26 14.08 0.50
C CYS A 71 -18.67 14.08 1.96
N GLY A 72 -17.93 14.74 2.82
CA GLY A 72 -18.42 14.79 4.17
C GLY A 72 -18.29 13.42 4.82
N ALA A 73 -19.03 13.25 5.92
CA ALA A 73 -18.84 12.11 6.80
C ALA A 73 -19.95 11.09 6.68
N GLU A 74 -19.67 9.98 6.01
CA GLU A 74 -20.42 8.74 6.20
C GLU A 74 -19.98 8.13 7.53
N GLY A 75 -20.80 8.27 8.57
CA GLY A 75 -20.54 7.60 9.84
C GLY A 75 -19.17 7.95 10.40
N ASP A 76 -18.30 6.93 10.55
CA ASP A 76 -17.03 7.15 11.21
C ASP A 76 -15.94 7.70 10.30
N TYR A 77 -16.22 7.96 9.02
CA TYR A 77 -15.17 8.39 8.12
C TYR A 77 -15.55 9.64 7.33
N ASN A 78 -14.63 10.59 7.27
CA ASN A 78 -14.66 11.62 6.24
C ASN A 78 -14.20 11.01 4.93
N VAL A 79 -14.81 11.45 3.82
CA VAL A 79 -14.62 10.84 2.51
C VAL A 79 -14.26 11.93 1.52
N MET A 80 -13.20 11.70 0.75
CA MET A 80 -12.85 12.54 -0.39
C MET A 80 -12.62 11.62 -1.60
N VAL A 81 -13.40 11.84 -2.64
CA VAL A 81 -13.25 11.10 -3.88
C VAL A 81 -12.27 11.86 -4.76
N MET A 82 -11.34 11.14 -5.37
CA MET A 82 -10.28 11.74 -6.16
C MET A 82 -10.21 11.11 -7.54
N GLU A 83 -9.89 11.94 -8.53
CA GLU A 83 -9.48 11.41 -9.83
C GLU A 83 -8.39 10.36 -9.65
N LEU A 84 -8.57 9.20 -10.29
CA LEU A 84 -7.56 8.15 -10.27
C LEU A 84 -6.55 8.47 -11.36
N LEU A 85 -5.30 8.51 -10.99
CA LEU A 85 -4.26 8.81 -11.95
C LEU A 85 -3.50 7.53 -12.28
N GLY A 86 -2.39 7.66 -12.99
CA GLY A 86 -1.57 6.53 -13.32
C GLY A 86 -0.57 6.23 -12.22
N PRO A 87 0.50 5.51 -12.59
CA PRO A 87 1.50 5.13 -11.59
C PRO A 87 2.24 6.37 -11.09
N SER A 88 2.74 6.28 -9.87
CA SER A 88 3.59 7.36 -9.35
C SER A 88 4.97 7.32 -10.00
N LEU A 89 5.73 8.39 -9.82
CA LEU A 89 7.08 8.41 -10.36
C LEU A 89 7.96 7.37 -9.68
N GLU A 90 7.68 7.03 -8.42
CA GLU A 90 8.38 5.90 -7.82
C GLU A 90 8.00 4.60 -8.49
N ASP A 91 6.71 4.39 -8.77
CA ASP A 91 6.30 3.16 -9.47
C ASP A 91 7.00 3.06 -10.83
N LEU A 92 7.01 4.18 -11.58
CA LEU A 92 7.62 4.16 -12.89
C LEU A 92 9.14 3.96 -12.79
N PHE A 93 9.76 4.55 -11.78
CA PHE A 93 11.17 4.28 -11.52
C PHE A 93 11.39 2.78 -11.37
N ASN A 94 10.50 2.11 -10.65
CA ASN A 94 10.65 0.66 -10.49
C ASN A 94 10.37 -0.09 -11.80
N PHE A 95 9.32 0.30 -12.53
CA PHE A 95 9.11 -0.33 -13.84
C PHE A 95 10.36 -0.20 -14.71
N CYS A 96 11.15 0.87 -14.54
CA CYS A 96 12.38 1.12 -15.29
C CYS A 96 13.63 0.56 -14.60
N SER A 97 13.45 -0.37 -13.67
CA SER A 97 14.57 -0.99 -12.95
C SER A 97 15.45 0.04 -12.27
N ARG A 98 14.82 1.04 -11.72
CA ARG A 98 15.45 2.11 -10.92
C ARG A 98 16.61 2.75 -11.68
N LYS A 99 16.38 2.98 -12.95
CA LYS A 99 17.33 3.72 -13.79
C LYS A 99 16.50 4.63 -14.69
N PHE A 100 16.67 5.94 -14.60
CA PHE A 100 16.03 6.79 -15.60
C PHE A 100 17.18 7.38 -16.44
N SER A 101 16.95 7.58 -17.72
CA SER A 101 17.90 8.33 -18.56
C SER A 101 17.92 9.80 -18.15
N LEU A 102 19.01 10.47 -18.54
CA LEU A 102 19.05 11.90 -18.31
C LEU A 102 17.88 12.59 -18.98
N LYS A 103 17.52 12.15 -20.20
CA LYS A 103 16.40 12.80 -20.87
C LYS A 103 15.12 12.72 -20.03
N THR A 104 14.84 11.55 -19.48
CA THR A 104 13.63 11.41 -18.68
C THR A 104 13.71 12.22 -17.40
N VAL A 105 14.86 12.26 -16.73
CA VAL A 105 14.96 13.08 -15.53
C VAL A 105 14.65 14.53 -15.87
N LEU A 106 15.16 15.00 -17.01
CA LEU A 106 14.96 16.40 -17.35
C LEU A 106 13.54 16.69 -17.84
N LEU A 107 12.93 15.75 -18.58
CA LEU A 107 11.51 15.89 -18.93
C LEU A 107 10.69 16.03 -17.68
N LEU A 108 10.98 15.20 -16.67
CA LEU A 108 10.25 15.26 -15.42
C LEU A 108 10.52 16.57 -14.69
N ALA A 109 11.80 16.99 -14.66
CA ALA A 109 12.19 18.17 -13.90
C ALA A 109 11.46 19.41 -14.40
N ASP A 110 11.34 19.54 -15.72
CA ASP A 110 10.66 20.71 -16.25
C ASP A 110 9.24 20.80 -15.73
N GLN A 111 8.52 19.66 -15.77
CA GLN A 111 7.13 19.69 -15.34
C GLN A 111 7.01 19.82 -13.82
N MET A 112 7.91 19.21 -13.05
CA MET A 112 7.79 19.26 -11.60
C MET A 112 8.05 20.66 -11.07
N ILE A 113 9.02 21.39 -11.65
CA ILE A 113 9.23 22.78 -11.26
C ILE A 113 7.97 23.57 -11.53
N SER A 114 7.35 23.34 -12.69
CA SER A 114 6.13 24.05 -13.03
C SER A 114 4.97 23.71 -12.09
N ARG A 115 4.84 22.43 -11.70
CA ARG A 115 3.77 22.07 -10.77
C ARG A 115 3.94 22.80 -9.45
N ILE A 116 5.17 22.81 -8.92
CA ILE A 116 5.46 23.50 -7.66
C ILE A 116 5.21 25.00 -7.81
N GLU A 117 5.64 25.60 -8.93
CA GLU A 117 5.36 27.02 -9.16
C GLU A 117 3.86 27.31 -9.11
N TYR A 118 3.07 26.42 -9.72
CA TYR A 118 1.62 26.62 -9.78
C TYR A 118 1.02 26.62 -8.37
N ILE A 119 1.39 25.65 -7.54
CA ILE A 119 0.90 25.62 -6.16
C ILE A 119 1.28 26.92 -5.45
N HIS A 120 2.52 27.37 -5.65
CA HIS A 120 2.97 28.60 -5.01
C HIS A 120 2.17 29.79 -5.50
N SER A 121 1.82 29.79 -6.81
CA SER A 121 1.01 30.87 -7.38
C SER A 121 -0.37 30.95 -6.73
N LYS A 122 -0.84 29.86 -6.13
CA LYS A 122 -2.11 29.81 -5.43
C LYS A 122 -1.95 29.94 -3.93
N ASN A 123 -0.79 30.42 -3.49
CA ASN A 123 -0.48 30.89 -2.14
C ASN A 123 -0.14 29.79 -1.15
N PHE A 124 0.12 28.56 -1.61
CA PHE A 124 0.47 27.43 -0.75
C PHE A 124 1.87 26.91 -1.04
N ILE A 125 2.45 26.32 -0.01
CA ILE A 125 3.59 25.45 -0.12
C ILE A 125 3.11 24.03 0.16
N HIS A 126 3.74 23.09 -0.51
CA HIS A 126 3.34 21.69 -0.49
C HIS A 126 3.83 20.97 0.75
N ARG A 127 5.11 21.09 1.08
CA ARG A 127 5.74 20.59 2.28
C ARG A 127 5.90 19.07 2.31
N ASP A 128 5.59 18.36 1.23
CA ASP A 128 5.95 16.94 1.22
C ASP A 128 6.26 16.49 -0.20
N VAL A 129 7.25 17.17 -0.77
CA VAL A 129 7.73 16.86 -2.11
C VAL A 129 8.55 15.58 -2.04
N LYS A 130 8.08 14.54 -2.72
CA LYS A 130 8.72 13.22 -2.74
C LYS A 130 8.20 12.47 -3.96
N PRO A 131 8.89 11.39 -4.36
CA PRO A 131 8.53 10.71 -5.63
C PRO A 131 7.12 10.18 -5.65
N ASP A 132 6.63 9.68 -4.53
CA ASP A 132 5.29 9.11 -4.51
C ASP A 132 4.18 10.16 -4.62
N ASN A 133 4.48 11.46 -4.45
CA ASN A 133 3.47 12.49 -4.62
C ASN A 133 3.44 13.10 -6.01
N PHE A 134 4.12 12.49 -6.97
CA PHE A 134 3.99 12.84 -8.37
C PHE A 134 3.53 11.62 -9.12
N LEU A 135 2.52 11.78 -9.96
CA LEU A 135 1.95 10.67 -10.72
C LEU A 135 1.67 11.11 -12.15
N MET A 136 1.78 10.17 -13.10
CA MET A 136 1.44 10.47 -14.48
C MET A 136 -0.07 10.37 -14.67
N GLY A 137 -0.58 11.13 -15.64
CA GLY A 137 -2.00 11.09 -15.97
C GLY A 137 -2.34 9.84 -16.78
N LEU A 138 -3.60 9.78 -17.18
CA LEU A 138 -4.10 8.65 -17.96
C LEU A 138 -4.47 9.10 -19.37
N GLY A 139 -4.37 8.15 -20.30
CA GLY A 139 -4.86 8.34 -21.65
C GLY A 139 -4.16 9.47 -22.36
N LYS A 140 -4.96 10.38 -22.91
CA LYS A 140 -4.44 11.58 -23.55
C LYS A 140 -3.44 12.29 -22.64
N LYS A 141 -3.72 12.30 -21.34
CA LYS A 141 -2.91 13.04 -20.38
C LYS A 141 -1.85 12.17 -19.71
N GLY A 142 -1.49 11.06 -20.34
CA GLY A 142 -0.44 10.21 -19.85
C GLY A 142 0.94 10.81 -19.93
N ASN A 143 1.08 11.92 -20.67
CA ASN A 143 2.34 12.62 -20.74
C ASN A 143 2.46 13.71 -19.69
N LEU A 144 1.43 13.91 -18.86
CA LEU A 144 1.44 14.99 -17.88
C LEU A 144 1.75 14.48 -16.50
N VAL A 145 2.69 15.15 -15.84
CA VAL A 145 3.04 14.91 -14.45
C VAL A 145 2.05 15.66 -13.55
N TYR A 146 1.38 14.94 -12.66
CA TYR A 146 0.51 15.49 -11.64
C TYR A 146 1.22 15.52 -10.30
N ILE A 147 0.83 16.47 -9.46
CA ILE A 147 1.26 16.53 -8.07
C ILE A 147 0.02 16.28 -7.21
N ILE A 148 0.19 15.53 -6.13
CA ILE A 148 -0.91 15.17 -5.26
C ILE A 148 -0.54 15.42 -3.80
N ASP A 149 -1.58 15.32 -2.97
CA ASP A 149 -1.57 15.29 -1.52
C ASP A 149 -1.29 16.66 -0.92
N PHE A 150 -2.33 17.31 -0.44
CA PHE A 150 -2.25 18.64 0.15
C PHE A 150 -2.50 18.60 1.65
N GLY A 151 -2.38 17.41 2.24
CA GLY A 151 -2.63 17.28 3.67
C GLY A 151 -1.62 17.97 4.55
N LEU A 152 -0.39 18.15 4.09
CA LEU A 152 0.64 18.89 4.83
C LEU A 152 0.86 20.29 4.26
N ALA A 153 0.11 20.67 3.25
CA ALA A 153 0.29 21.97 2.62
C ALA A 153 -0.17 23.09 3.55
N LYS A 154 0.42 24.28 3.38
CA LYS A 154 0.18 25.42 4.24
C LYS A 154 0.24 26.69 3.41
N LYS A 155 -0.59 27.65 3.77
CA LYS A 155 -0.54 28.96 3.13
C LYS A 155 0.74 29.66 3.56
N TYR A 156 1.51 30.20 2.59
CA TYR A 156 2.72 30.94 2.92
C TYR A 156 2.52 32.44 2.75
N ARG A 157 1.40 32.88 2.15
CA ARG A 157 1.11 34.30 2.04
C ARG A 157 -0.38 34.54 2.00
N ASP A 158 -0.76 35.75 2.41
CA ASP A 158 -2.16 36.14 2.43
C ASP A 158 -2.66 36.27 1.01
N ALA A 159 -3.87 35.76 0.76
CA ALA A 159 -4.37 35.73 -0.60
C ALA A 159 -4.67 37.13 -1.14
N ARG A 160 -5.05 38.06 -0.28
CA ARG A 160 -5.43 39.38 -0.73
C ARG A 160 -4.24 40.36 -0.78
N THR A 161 -3.38 40.32 0.23
CA THR A 161 -2.28 41.29 0.36
C THR A 161 -0.96 40.73 -0.10
N HIS A 162 -0.85 39.41 -0.23
CA HIS A 162 0.39 38.66 -0.47
C HIS A 162 1.45 38.91 0.60
N GLN A 163 1.02 39.24 1.81
CA GLN A 163 1.92 39.41 2.96
C GLN A 163 2.43 38.01 3.28
N HIS A 164 3.73 37.79 3.30
CA HIS A 164 4.36 36.50 3.54
C HIS A 164 4.23 36.14 5.02
N ILE A 165 4.09 34.84 5.30
CA ILE A 165 4.07 34.37 6.68
C ILE A 165 5.39 34.77 7.33
N PRO A 166 5.43 34.97 8.64
CA PRO A 166 6.69 35.44 9.25
C PRO A 166 7.73 34.34 9.37
N TYR A 167 8.99 34.75 9.36
CA TYR A 167 10.08 33.83 9.67
C TYR A 167 10.02 33.46 11.15
N ARG A 168 9.85 32.18 11.43
CA ARG A 168 9.66 31.69 12.78
C ARG A 168 10.10 30.24 12.88
N GLU A 169 10.25 29.77 14.11
CA GLU A 169 10.38 28.33 14.31
C GLU A 169 9.13 27.63 13.76
N ASN A 170 9.33 26.45 13.20
CA ASN A 170 8.20 25.75 12.60
C ASN A 170 7.27 25.20 13.67
N LYS A 171 5.97 25.28 13.39
CA LYS A 171 4.92 24.74 14.25
C LYS A 171 4.29 23.46 13.72
N ASN A 172 4.08 23.38 12.40
CA ASN A 172 3.28 22.33 11.79
C ASN A 172 4.03 21.02 11.57
N LEU A 173 3.25 19.97 11.33
CA LEU A 173 3.82 18.67 11.08
C LEU A 173 4.64 18.69 9.78
N THR A 174 5.60 17.80 9.72
CA THR A 174 6.61 17.73 8.68
C THR A 174 6.42 16.52 7.78
N GLY A 175 6.90 16.68 6.53
CA GLY A 175 6.94 15.64 5.52
C GLY A 175 8.09 14.68 5.74
N THR A 176 8.46 13.98 4.68
CA THR A 176 9.44 12.91 4.81
C THR A 176 10.78 13.50 5.20
N ALA A 177 11.48 12.79 6.08
CA ALA A 177 12.82 13.22 6.46
C ALA A 177 13.77 13.17 5.28
N CYS A 178 13.66 12.12 4.46
N CYS A 178 13.69 12.13 4.44
CA CYS A 178 14.59 11.90 3.36
CA CYS A 178 14.71 11.96 3.42
C CYS A 178 14.74 13.13 2.47
C CYS A 178 14.74 13.11 2.43
N TYR A 179 13.61 13.76 2.13
CA TYR A 179 13.61 14.85 1.15
C TYR A 179 13.49 16.22 1.78
N ALA A 180 13.53 16.30 3.11
CA ALA A 180 13.33 17.58 3.78
C ALA A 180 14.48 18.52 3.50
N SER A 181 14.16 19.82 3.44
CA SER A 181 15.21 20.82 3.32
C SER A 181 16.03 20.95 4.61
N ILE A 182 17.22 21.52 4.47
CA ILE A 182 18.06 21.76 5.63
C ILE A 182 17.37 22.70 6.61
N ASN A 183 16.67 23.72 6.10
CA ASN A 183 15.93 24.61 6.99
C ASN A 183 14.93 23.86 7.86
N THR A 184 14.23 22.87 7.27
CA THR A 184 13.32 22.02 8.04
C THR A 184 14.06 21.30 9.15
N HIS A 185 15.22 20.69 8.83
CA HIS A 185 15.99 20.02 9.86
C HIS A 185 16.39 21.00 10.96
N LEU A 186 16.57 22.26 10.63
CA LEU A 186 16.96 23.25 11.63
C LEU A 186 15.78 23.80 12.40
N GLY A 187 14.56 23.37 12.07
CA GLY A 187 13.38 23.79 12.79
C GLY A 187 12.76 25.11 12.36
N ILE A 188 13.06 25.58 11.16
CA ILE A 188 12.52 26.83 10.64
C ILE A 188 11.30 26.54 9.77
N GLU A 189 10.30 27.40 9.86
CA GLU A 189 9.15 27.37 8.98
C GLU A 189 9.57 27.22 7.52
N GLN A 190 8.90 26.31 6.82
CA GLN A 190 9.14 26.15 5.39
C GLN A 190 8.51 27.29 4.59
N SER A 191 9.14 27.62 3.46
CA SER A 191 8.60 28.54 2.48
C SER A 191 8.85 28.00 1.07
N ARG A 192 8.70 28.84 0.04
CA ARG A 192 8.76 28.35 -1.34
C ARG A 192 10.10 27.69 -1.64
N ARG A 193 11.19 28.25 -1.11
CA ARG A 193 12.53 27.71 -1.35
C ARG A 193 12.64 26.25 -0.92
N ASP A 194 11.91 25.85 0.12
CA ASP A 194 12.08 24.50 0.67
C ASP A 194 11.44 23.47 -0.21
N ASP A 195 10.27 23.78 -0.77
CA ASP A 195 9.66 22.88 -1.74
C ASP A 195 10.64 22.60 -2.90
N LEU A 196 11.31 23.66 -3.39
CA LEU A 196 12.22 23.51 -4.53
C LEU A 196 13.48 22.76 -4.14
N GLU A 197 13.99 23.00 -2.93
CA GLU A 197 15.13 22.24 -2.48
C GLU A 197 14.80 20.76 -2.42
N SER A 198 13.62 20.42 -1.87
CA SER A 198 13.22 19.01 -1.80
C SER A 198 13.17 18.40 -3.19
N LEU A 199 12.66 19.15 -4.16
CA LEU A 199 12.63 18.64 -5.53
C LEU A 199 14.04 18.33 -6.02
N GLY A 200 15.01 19.16 -5.65
CA GLY A 200 16.39 18.87 -6.01
C GLY A 200 16.89 17.53 -5.46
N TYR A 201 16.48 17.19 -4.23
CA TYR A 201 16.85 15.89 -3.68
C TYR A 201 16.13 14.79 -4.43
N VAL A 202 14.86 15.02 -4.82
CA VAL A 202 14.12 14.01 -5.59
C VAL A 202 14.82 13.74 -6.92
N LEU A 203 15.24 14.80 -7.60
CA LEU A 203 15.90 14.62 -8.89
C LEU A 203 17.21 13.84 -8.74
N MET A 204 17.99 14.17 -7.71
CA MET A 204 19.23 13.45 -7.49
C MET A 204 18.98 12.02 -7.05
N TYR A 205 17.87 11.77 -6.34
CA TYR A 205 17.46 10.40 -6.06
C TYR A 205 17.25 9.63 -7.36
N PHE A 206 16.55 10.24 -8.32
CA PHE A 206 16.34 9.56 -9.60
C PHE A 206 17.68 9.33 -10.31
N ASN A 207 18.61 10.29 -10.20
CA ASN A 207 19.89 10.11 -10.86
C ASN A 207 20.68 8.96 -10.24
N LEU A 208 20.63 8.83 -8.92
CA LEU A 208 21.49 7.92 -8.18
C LEU A 208 20.85 6.57 -7.92
N GLY A 209 19.54 6.53 -7.78
CA GLY A 209 18.88 5.33 -7.28
C GLY A 209 18.69 5.31 -5.78
N SER A 210 19.29 6.25 -5.06
CA SER A 210 19.37 6.28 -3.61
C SER A 210 19.89 7.65 -3.25
N LEU A 211 19.70 8.03 -2.02
CA LEU A 211 20.37 9.19 -1.46
C LEU A 211 21.33 8.74 -0.36
N PRO A 212 22.41 9.49 -0.12
CA PRO A 212 23.43 9.05 0.84
C PRO A 212 22.92 8.92 2.27
N TRP A 213 21.77 9.51 2.59
CA TRP A 213 21.21 9.45 3.93
C TRP A 213 20.07 8.43 4.07
N GLN A 214 19.85 7.58 3.06
CA GLN A 214 18.96 6.45 3.18
C GLN A 214 19.78 5.28 3.70
N GLY A 215 19.18 4.48 4.59
CA GLY A 215 19.95 3.47 5.29
C GLY A 215 20.32 3.96 6.68
N LEU A 216 20.00 3.19 7.71
CA LEU A 216 19.79 3.73 9.04
C LEU A 216 20.36 2.76 10.07
N LYS A 217 20.19 3.10 11.35
CA LYS A 217 20.79 2.34 12.44
C LYS A 217 19.71 1.88 13.42
N ALA A 218 19.97 0.74 14.06
CA ALA A 218 19.16 0.25 15.16
C ALA A 218 19.04 1.33 16.21
N ALA A 219 17.84 1.89 16.37
CA ALA A 219 17.64 3.04 17.25
C ALA A 219 16.14 3.23 17.42
N THR A 220 15.76 4.36 18.03
CA THR A 220 14.38 4.58 18.44
C THR A 220 13.49 5.06 17.30
N LYS A 221 14.01 5.14 16.07
CA LYS A 221 13.32 5.82 14.98
C LYS A 221 13.45 7.33 15.12
N ARG A 222 13.17 7.87 16.30
CA ARG A 222 13.38 9.31 16.44
C ARG A 222 14.87 9.64 16.40
N GLN A 223 15.73 8.70 16.80
CA GLN A 223 17.15 8.79 16.47
C GLN A 223 17.34 8.74 14.96
N LYS A 224 16.61 7.82 14.30
CA LYS A 224 16.70 7.67 12.85
C LYS A 224 16.54 9.00 12.14
N TYR A 225 15.61 9.83 12.58
CA TYR A 225 15.50 11.17 12.00
C TYR A 225 16.77 11.97 12.25
N GLU A 226 17.38 11.81 13.43
CA GLU A 226 18.62 12.52 13.73
C GLU A 226 19.74 12.05 12.80
N ARG A 227 19.76 10.75 12.47
CA ARG A 227 20.80 10.25 11.58
C ARG A 227 20.68 10.85 10.19
N ILE A 228 19.46 10.87 9.63
CA ILE A 228 19.26 11.47 8.32
C ILE A 228 19.70 12.94 8.34
N SER A 229 19.27 13.67 9.36
CA SER A 229 19.60 15.09 9.46
C SER A 229 21.12 15.30 9.42
N GLU A 230 21.86 14.53 10.22
CA GLU A 230 23.29 14.75 10.35
C GLU A 230 24.02 14.41 9.06
N LYS A 231 23.68 13.29 8.43
CA LYS A 231 24.33 12.94 7.18
C LYS A 231 24.00 13.96 6.08
N LYS A 232 22.74 14.41 5.99
CA LYS A 232 22.39 15.37 4.96
C LYS A 232 23.18 16.67 5.14
N MET A 233 23.24 17.15 6.37
CA MET A 233 23.95 18.41 6.62
C MET A 233 25.46 18.26 6.41
N SER A 234 26.00 17.06 6.56
CA SER A 234 27.42 16.85 6.41
C SER A 234 27.83 16.47 4.99
N THR A 235 26.88 16.40 4.06
CA THR A 235 27.16 15.99 2.69
C THR A 235 27.09 17.21 1.77
N PRO A 236 28.20 17.71 1.25
CA PRO A 236 28.14 18.90 0.39
C PRO A 236 27.38 18.62 -0.90
N ILE A 237 26.69 19.64 -1.40
CA ILE A 237 25.98 19.50 -2.66
C ILE A 237 26.92 19.00 -3.75
N GLU A 238 28.18 19.44 -3.70
CA GLU A 238 29.14 19.01 -4.72
C GLU A 238 29.52 17.55 -4.59
N VAL A 239 29.48 16.99 -3.39
CA VAL A 239 29.71 15.55 -3.25
C VAL A 239 28.49 14.76 -3.72
N LEU A 240 27.29 15.18 -3.26
CA LEU A 240 26.04 14.54 -3.64
C LEU A 240 25.92 14.46 -5.16
N CYS A 241 26.29 15.53 -5.86
CA CYS A 241 26.05 15.62 -7.29
C CYS A 241 27.23 15.21 -8.14
N LYS A 242 28.32 14.78 -7.53
CA LYS A 242 29.50 14.34 -8.30
C LYS A 242 29.12 13.33 -9.37
N GLY A 243 29.63 13.54 -10.57
CA GLY A 243 29.38 12.60 -11.66
C GLY A 243 28.09 12.80 -12.42
N TYR A 244 27.33 13.85 -12.14
CA TYR A 244 26.14 14.24 -12.87
C TYR A 244 26.32 15.66 -13.37
N PRO A 245 25.58 16.05 -14.40
CA PRO A 245 25.73 17.41 -14.93
C PRO A 245 25.67 18.47 -13.84
N SER A 246 26.54 19.48 -13.94
CA SER A 246 26.66 20.47 -12.88
C SER A 246 25.36 21.21 -12.60
N GLU A 247 24.42 21.26 -13.57
CA GLU A 247 23.13 21.92 -13.36
C GLU A 247 22.39 21.38 -12.14
N PHE A 248 22.56 20.10 -11.82
CA PHE A 248 21.88 19.60 -10.62
C PHE A 248 22.46 20.21 -9.35
N ALA A 249 23.78 20.39 -9.32
CA ALA A 249 24.41 21.07 -8.19
C ALA A 249 24.06 22.55 -8.18
N THR A 250 24.07 23.21 -9.35
CA THR A 250 23.70 24.63 -9.39
C THR A 250 22.26 24.83 -8.89
N TYR A 251 21.36 23.98 -9.32
CA TYR A 251 19.98 24.01 -8.89
C TYR A 251 19.87 23.98 -7.35
N LEU A 252 20.54 23.02 -6.72
CA LEU A 252 20.45 22.88 -5.26
C LEU A 252 21.09 24.06 -4.52
N ASN A 253 22.26 24.50 -4.99
CA ASN A 253 22.89 25.66 -4.37
C ASN A 253 21.98 26.87 -4.49
N PHE A 254 21.31 27.02 -5.63
CA PHE A 254 20.41 28.17 -5.79
C PHE A 254 19.28 28.12 -4.78
N CYS A 255 18.69 26.94 -4.60
CA CYS A 255 17.54 26.84 -3.71
C CYS A 255 17.97 27.08 -2.26
N ARG A 256 19.12 26.56 -1.89
CA ARG A 256 19.61 26.79 -0.53
C ARG A 256 19.93 28.25 -0.25
N SER A 257 20.25 29.04 -1.27
CA SER A 257 20.67 30.42 -1.08
C SER A 257 19.53 31.41 -1.19
N LEU A 258 18.32 30.94 -1.51
CA LEU A 258 17.15 31.82 -1.55
C LEU A 258 16.86 32.39 -0.17
N ARG A 259 16.43 33.65 -0.08
CA ARG A 259 15.95 34.22 1.20
C ARG A 259 14.56 33.62 1.45
N PHE A 260 14.18 33.47 2.72
CA PHE A 260 12.91 32.90 3.16
C PHE A 260 11.71 33.41 2.37
N ASP A 261 11.59 34.73 2.21
CA ASP A 261 10.40 35.27 1.55
C ASP A 261 10.64 35.58 0.07
N ASP A 262 11.78 35.16 -0.51
CA ASP A 262 12.04 35.42 -1.93
C ASP A 262 11.03 34.68 -2.82
N LYS A 263 10.63 35.31 -3.92
CA LYS A 263 9.98 34.58 -5.02
C LYS A 263 11.08 33.86 -5.78
N PRO A 264 11.07 32.53 -5.84
CA PRO A 264 12.13 31.82 -6.56
C PRO A 264 12.08 32.18 -8.03
N ASP A 265 13.24 32.18 -8.69
CA ASP A 265 13.28 32.33 -10.14
C ASP A 265 13.05 30.98 -10.79
N TYR A 266 11.78 30.60 -10.84
CA TYR A 266 11.40 29.33 -11.44
C TYR A 266 11.91 29.21 -12.87
N SER A 267 11.85 30.31 -13.62
CA SER A 267 12.31 30.31 -15.01
C SER A 267 13.80 29.98 -15.09
N TYR A 268 14.60 30.57 -14.23
CA TYR A 268 16.02 30.27 -14.20
C TYR A 268 16.24 28.78 -13.97
N LEU A 269 15.54 28.22 -12.98
CA LEU A 269 15.75 26.83 -12.66
C LEU A 269 15.34 25.92 -13.81
N ARG A 270 14.18 26.19 -14.42
CA ARG A 270 13.82 25.43 -15.62
C ARG A 270 14.83 25.65 -16.75
N GLN A 271 15.33 26.89 -16.93
CA GLN A 271 16.20 27.18 -18.05
C GLN A 271 17.54 26.48 -17.90
N LEU A 272 18.02 26.32 -16.66
CA LEU A 272 19.24 25.54 -16.47
C LEU A 272 19.08 24.17 -17.11
N PHE A 273 17.95 23.54 -16.85
CA PHE A 273 17.77 22.19 -17.36
C PHE A 273 17.40 22.19 -18.83
N ARG A 274 16.61 23.16 -19.30
CA ARG A 274 16.27 23.18 -20.72
C ARG A 274 17.50 23.31 -21.59
N ASN A 275 18.42 24.18 -21.21
CA ASN A 275 19.58 24.37 -22.06
C ASN A 275 20.51 23.16 -22.01
N LEU A 276 20.57 22.47 -20.87
CA LEU A 276 21.27 21.20 -20.82
C LEU A 276 20.58 20.15 -21.71
N PHE A 277 19.26 20.01 -21.55
CA PHE A 277 18.46 19.09 -22.38
C PHE A 277 18.72 19.32 -23.87
N HIS A 278 18.65 20.57 -24.31
CA HIS A 278 18.82 20.89 -25.73
C HIS A 278 20.26 20.68 -26.18
N ARG A 279 21.23 20.97 -25.32
CA ARG A 279 22.61 20.71 -25.73
C ARG A 279 22.85 19.23 -26.00
N GLN A 280 22.07 18.31 -25.41
CA GLN A 280 22.20 16.90 -25.74
C GLN A 280 21.42 16.49 -26.99
N GLY A 281 20.73 17.43 -27.63
CA GLY A 281 19.94 17.13 -28.82
C GLY A 281 18.58 16.55 -28.51
N PHE A 282 18.12 16.72 -27.27
CA PHE A 282 16.80 16.22 -26.91
C PHE A 282 15.70 17.22 -27.35
N SER A 283 14.51 16.68 -27.51
CA SER A 283 13.32 17.46 -27.81
C SER A 283 12.31 17.22 -26.68
N TYR A 284 11.53 18.25 -26.34
CA TYR A 284 10.47 18.11 -25.33
C TYR A 284 9.28 17.44 -26.03
N ASP A 285 9.45 16.14 -26.31
CA ASP A 285 8.47 15.33 -27.04
C ASP A 285 7.73 14.35 -26.16
N TYR A 286 7.92 14.44 -24.85
CA TYR A 286 7.23 13.62 -23.87
C TYR A 286 7.38 12.13 -24.12
N VAL A 287 8.50 11.70 -24.66
CA VAL A 287 8.82 10.28 -24.77
C VAL A 287 9.72 9.93 -23.60
N PHE A 288 9.10 9.43 -22.54
CA PHE A 288 9.80 9.02 -21.34
C PHE A 288 10.35 7.61 -21.49
N ASP A 289 11.23 7.21 -20.58
CA ASP A 289 11.82 5.87 -20.67
C ASP A 289 10.76 4.79 -20.76
N TRP A 290 9.66 4.97 -20.04
CA TRP A 290 8.66 3.92 -19.99
C TRP A 290 7.81 3.82 -21.25
N ASN A 291 7.89 4.81 -22.12
CA ASN A 291 7.20 4.76 -23.40
C ASN A 291 8.00 3.94 -24.42
N GLU B 2 1.81 4.41 -24.03
CA GLU B 2 1.29 3.92 -22.74
C GLU B 2 1.95 2.60 -22.37
N LEU B 3 2.36 2.47 -21.11
CA LEU B 3 3.09 1.29 -20.65
C LEU B 3 2.13 0.12 -20.44
N ARG B 4 2.38 -0.95 -21.16
CA ARG B 4 1.52 -2.12 -21.19
C ARG B 4 2.37 -3.34 -20.86
N VAL B 5 1.75 -4.36 -20.28
CA VAL B 5 2.35 -5.69 -20.21
C VAL B 5 1.67 -6.59 -21.23
N GLY B 6 2.47 -7.22 -22.08
CA GLY B 6 1.92 -8.09 -23.12
C GLY B 6 0.92 -7.46 -24.04
N ASN B 7 1.08 -6.19 -24.38
CA ASN B 7 0.26 -5.50 -25.36
C ASN B 7 -1.19 -5.34 -24.93
N ARG B 8 -1.57 -5.86 -23.77
CA ARG B 8 -2.97 -5.96 -23.40
C ARG B 8 -3.32 -5.21 -22.12
N TYR B 9 -2.44 -5.24 -21.12
CA TYR B 9 -2.77 -4.76 -19.79
C TYR B 9 -2.01 -3.47 -19.51
N ARG B 10 -2.75 -2.37 -19.43
CA ARG B 10 -2.15 -1.10 -19.02
C ARG B 10 -1.72 -1.21 -17.56
N LEU B 11 -0.49 -0.81 -17.29
CA LEU B 11 0.04 -0.86 -15.94
C LEU B 11 -0.22 0.45 -15.21
N GLY B 12 -0.73 0.35 -13.99
CA GLY B 12 -1.01 1.52 -13.17
C GLY B 12 -0.25 1.53 -11.86
N ARG B 13 -0.84 2.24 -10.90
CA ARG B 13 -0.17 2.49 -9.63
C ARG B 13 -0.01 1.23 -8.81
N LYS B 14 1.00 1.25 -7.95
CA LYS B 14 1.15 0.21 -6.94
C LYS B 14 -0.06 0.23 -6.04
N ILE B 15 -0.58 -0.94 -5.69
CA ILE B 15 -1.72 -1.02 -4.77
C ILE B 15 -1.43 -1.83 -3.54
N GLY B 16 -0.33 -2.55 -3.47
CA GLY B 16 0.05 -3.24 -2.26
C GLY B 16 1.22 -4.16 -2.52
N SER B 17 1.49 -5.00 -1.54
CA SER B 17 2.59 -5.94 -1.59
C SER B 17 2.02 -7.34 -1.46
N GLY B 18 2.70 -8.30 -2.05
CA GLY B 18 2.42 -9.69 -1.77
C GLY B 18 3.72 -10.40 -1.53
N SER B 19 3.66 -11.71 -1.36
CA SER B 19 4.88 -12.48 -1.19
C SER B 19 5.76 -12.36 -2.43
N PHE B 20 6.97 -11.90 -2.24
CA PHE B 20 8.00 -11.88 -3.28
C PHE B 20 7.68 -10.95 -4.44
N GLY B 21 6.78 -10.00 -4.27
CA GLY B 21 6.54 -9.07 -5.35
C GLY B 21 5.41 -8.11 -5.01
N ASP B 22 5.45 -6.96 -5.66
CA ASP B 22 4.44 -5.94 -5.45
C ASP B 22 3.30 -6.14 -6.43
N ILE B 23 2.15 -5.58 -6.04
CA ILE B 23 0.90 -5.69 -6.77
C ILE B 23 0.55 -4.32 -7.32
N TYR B 24 0.16 -4.27 -8.59
CA TYR B 24 -0.19 -3.02 -9.26
C TYR B 24 -1.60 -3.11 -9.82
N LEU B 25 -2.25 -1.96 -9.89
CA LEU B 25 -3.52 -1.89 -10.61
C LEU B 25 -3.24 -1.95 -12.10
N GLY B 26 -4.15 -2.58 -12.83
CA GLY B 26 -4.03 -2.67 -14.27
C GLY B 26 -5.38 -2.59 -14.94
N THR B 27 -5.37 -2.34 -16.25
CA THR B 27 -6.60 -2.45 -17.03
C THR B 27 -6.35 -3.38 -18.20
N ASP B 28 -7.15 -4.44 -18.31
CA ASP B 28 -7.21 -5.23 -19.52
C ASP B 28 -7.80 -4.32 -20.60
N ILE B 29 -6.93 -3.76 -21.43
CA ILE B 29 -7.37 -2.82 -22.46
C ILE B 29 -8.40 -3.47 -23.36
N ALA B 30 -8.25 -4.77 -23.62
CA ALA B 30 -9.16 -5.46 -24.52
C ALA B 30 -10.48 -5.74 -23.82
N ALA B 31 -10.44 -6.47 -22.71
CA ALA B 31 -11.68 -6.85 -22.04
C ALA B 31 -12.35 -5.63 -21.39
N GLY B 32 -11.60 -4.57 -21.11
CA GLY B 32 -12.12 -3.41 -20.41
C GLY B 32 -12.15 -3.58 -18.91
N GLU B 33 -11.95 -4.78 -18.39
CA GLU B 33 -11.96 -5.02 -16.96
C GLU B 33 -10.69 -4.48 -16.29
N GLU B 34 -10.86 -3.99 -15.07
CA GLU B 34 -9.74 -3.71 -14.20
C GLU B 34 -9.19 -5.04 -13.69
N VAL B 35 -7.87 -5.12 -13.55
CA VAL B 35 -7.17 -6.30 -13.06
C VAL B 35 -6.12 -5.88 -12.03
N ALA B 36 -5.57 -6.87 -11.35
CA ALA B 36 -4.40 -6.71 -10.48
C ALA B 36 -3.23 -7.39 -11.17
N ILE B 37 -2.04 -6.78 -11.09
CA ILE B 37 -0.85 -7.28 -11.78
C ILE B 37 0.27 -7.46 -10.76
N LYS B 38 0.75 -8.68 -10.58
CA LYS B 38 1.86 -8.97 -9.68
C LYS B 38 3.14 -8.99 -10.50
N LEU B 39 4.17 -8.28 -10.03
CA LEU B 39 5.46 -8.20 -10.71
C LEU B 39 6.51 -8.78 -9.77
N GLU B 40 7.39 -9.63 -10.30
CA GLU B 40 8.57 -10.12 -9.59
C GLU B 40 9.81 -9.80 -10.40
N CYS B 41 10.75 -9.09 -9.77
CA CYS B 41 12.02 -8.82 -10.42
C CYS B 41 12.73 -10.13 -10.77
N VAL B 42 13.19 -10.24 -12.02
CA VAL B 42 13.78 -11.51 -12.46
C VAL B 42 15.18 -11.72 -11.93
N LYS B 43 15.78 -10.70 -11.33
CA LYS B 43 17.19 -10.79 -10.94
C LYS B 43 17.22 -11.48 -9.58
N THR B 44 17.12 -12.81 -9.63
CA THR B 44 17.12 -13.60 -8.42
C THR B 44 17.47 -15.04 -8.77
N LYS B 45 18.12 -15.74 -7.86
CA LYS B 45 18.46 -17.14 -8.08
C LYS B 45 17.28 -18.04 -7.70
N HIS B 46 16.24 -17.50 -7.03
CA HIS B 46 15.12 -18.29 -6.54
C HIS B 46 13.81 -17.62 -6.93
N PRO B 47 13.55 -17.49 -8.22
CA PRO B 47 12.26 -16.92 -8.64
C PRO B 47 11.10 -17.75 -8.14
N GLN B 48 10.02 -17.06 -7.81
CA GLN B 48 8.86 -17.64 -7.14
C GLN B 48 7.55 -17.45 -7.89
N LEU B 49 7.44 -16.47 -8.78
CA LEU B 49 6.13 -16.10 -9.28
C LEU B 49 5.55 -17.19 -10.17
N HIS B 50 6.39 -17.84 -10.96
CA HIS B 50 5.94 -18.91 -11.85
C HIS B 50 5.40 -20.07 -11.04
N ILE B 51 6.12 -20.45 -9.98
CA ILE B 51 5.65 -21.49 -9.06
C ILE B 51 4.30 -21.08 -8.47
N GLU B 52 4.20 -19.84 -8.03
CA GLU B 52 2.94 -19.38 -7.43
C GLU B 52 1.81 -19.48 -8.43
N SER B 53 2.06 -19.12 -9.69
CA SER B 53 1.01 -19.21 -10.70
C SER B 53 0.56 -20.64 -10.92
N LYS B 54 1.50 -21.59 -10.87
CA LYS B 54 1.16 -23.00 -11.01
C LYS B 54 0.27 -23.46 -9.86
N ILE B 55 0.53 -22.96 -8.64
CA ILE B 55 -0.32 -23.37 -7.51
C ILE B 55 -1.72 -22.81 -7.68
N TYR B 56 -1.84 -21.54 -8.05
CA TYR B 56 -3.15 -20.99 -8.37
C TYR B 56 -3.88 -21.85 -9.38
N LYS B 57 -3.19 -22.32 -10.44
CA LYS B 57 -3.85 -23.14 -11.46
C LYS B 57 -4.26 -24.48 -10.86
N MET B 58 -3.45 -25.02 -9.95
CA MET B 58 -3.84 -26.27 -9.31
C MET B 58 -5.05 -26.12 -8.39
N MET B 59 -5.31 -24.92 -7.91
CA MET B 59 -6.39 -24.61 -6.99
C MET B 59 -7.63 -24.07 -7.69
N GLN B 60 -7.62 -23.98 -9.02
CA GLN B 60 -8.63 -23.17 -9.73
C GLN B 60 -10.02 -23.75 -9.58
N GLY B 61 -10.12 -25.02 -9.23
CA GLY B 61 -11.41 -25.60 -8.97
C GLY B 61 -12.02 -25.21 -7.66
N GLY B 62 -11.26 -24.58 -6.76
CA GLY B 62 -11.83 -24.15 -5.52
C GLY B 62 -12.72 -22.93 -5.71
N VAL B 63 -13.82 -22.93 -4.98
CA VAL B 63 -14.63 -21.75 -4.86
C VAL B 63 -13.81 -20.72 -4.11
N GLY B 64 -13.84 -19.49 -4.58
CA GLY B 64 -13.10 -18.48 -3.86
C GLY B 64 -11.61 -18.48 -4.10
N ILE B 65 -11.19 -18.91 -5.29
CA ILE B 65 -9.80 -18.82 -5.74
C ILE B 65 -9.85 -17.89 -6.94
N PRO B 66 -9.05 -16.80 -6.98
CA PRO B 66 -9.09 -15.93 -8.16
C PRO B 66 -8.49 -16.59 -9.38
N THR B 67 -9.01 -16.21 -10.55
CA THR B 67 -8.43 -16.62 -11.82
C THR B 67 -7.14 -15.87 -12.07
N ILE B 68 -6.13 -16.55 -12.62
CA ILE B 68 -4.87 -15.89 -12.94
C ILE B 68 -4.37 -16.21 -14.34
N ARG B 69 -3.37 -15.40 -14.74
CA ARG B 69 -2.68 -15.50 -16.03
C ARG B 69 -1.18 -15.31 -15.82
N TRP B 70 -0.39 -16.38 -16.03
CA TRP B 70 1.08 -16.27 -16.05
C TRP B 70 1.49 -15.70 -17.40
N CYS B 71 2.24 -14.61 -17.40
CA CYS B 71 2.66 -13.96 -18.64
C CYS B 71 4.16 -13.95 -18.82
N GLY B 72 4.91 -14.67 -18.00
CA GLY B 72 6.33 -14.78 -18.22
C GLY B 72 7.01 -13.47 -17.92
N ALA B 73 8.23 -13.32 -18.45
CA ALA B 73 9.08 -12.20 -18.09
C ALA B 73 9.04 -11.22 -19.25
N GLU B 74 8.26 -10.17 -19.08
CA GLU B 74 8.47 -8.93 -19.81
C GLU B 74 9.72 -8.29 -19.22
N GLY B 75 10.84 -8.34 -19.96
CA GLY B 75 12.08 -7.66 -19.57
C GLY B 75 12.55 -8.07 -18.19
N ASP B 76 12.61 -7.11 -17.27
CA ASP B 76 13.17 -7.39 -15.97
C ASP B 76 12.18 -7.97 -14.97
N TYR B 77 10.91 -8.18 -15.34
CA TYR B 77 9.90 -8.62 -14.39
C TYR B 77 9.15 -9.83 -14.93
N ASN B 78 8.98 -10.83 -14.06
CA ASN B 78 7.94 -11.83 -14.24
C ASN B 78 6.59 -11.19 -13.92
N VAL B 79 5.57 -11.56 -14.69
CA VAL B 79 4.26 -10.91 -14.63
C VAL B 79 3.17 -11.96 -14.43
N MET B 80 2.29 -11.71 -13.46
CA MET B 80 1.10 -12.52 -13.29
C MET B 80 -0.10 -11.59 -13.16
N VAL B 81 -1.02 -11.69 -14.11
CA VAL B 81 -2.24 -10.89 -14.10
C VAL B 81 -3.30 -11.69 -13.35
N MET B 82 -4.03 -11.03 -12.47
CA MET B 82 -4.99 -11.66 -11.56
C MET B 82 -6.34 -10.96 -11.69
N GLU B 83 -7.40 -11.73 -11.57
CA GLU B 83 -8.70 -11.16 -11.31
C GLU B 83 -8.66 -10.20 -10.13
N LEU B 84 -9.26 -9.02 -10.32
CA LEU B 84 -9.41 -8.04 -9.26
C LEU B 84 -10.68 -8.37 -8.48
N LEU B 85 -10.52 -8.58 -7.19
CA LEU B 85 -11.64 -8.91 -6.31
C LEU B 85 -12.10 -7.62 -5.61
N GLY B 86 -12.94 -7.77 -4.59
CA GLY B 86 -13.37 -6.64 -3.83
C GLY B 86 -12.41 -6.37 -2.69
N PRO B 87 -12.88 -5.66 -1.68
CA PRO B 87 -11.99 -5.31 -0.56
C PRO B 87 -11.56 -6.53 0.22
N SER B 88 -10.41 -6.43 0.87
CA SER B 88 -9.97 -7.49 1.77
C SER B 88 -10.78 -7.48 3.08
N LEU B 89 -10.66 -8.57 3.83
CA LEU B 89 -11.33 -8.58 5.13
C LEU B 89 -10.74 -7.55 6.08
N GLU B 90 -9.45 -7.21 5.93
CA GLU B 90 -8.89 -6.12 6.73
C GLU B 90 -9.50 -4.79 6.32
N ASP B 91 -9.66 -4.58 5.02
CA ASP B 91 -10.29 -3.35 4.53
C ASP B 91 -11.71 -3.24 5.09
N LEU B 92 -12.47 -4.31 4.98
CA LEU B 92 -13.84 -4.29 5.47
C LEU B 92 -13.87 -4.09 6.99
N PHE B 93 -12.93 -4.71 7.70
CA PHE B 93 -12.80 -4.49 9.14
C PHE B 93 -12.62 -3.00 9.45
N ASN B 94 -11.75 -2.34 8.69
CA ASN B 94 -11.57 -0.92 8.93
C ASN B 94 -12.82 -0.15 8.55
N PHE B 95 -13.45 -0.49 7.42
CA PHE B 95 -14.69 0.19 7.07
C PHE B 95 -15.73 0.08 8.19
N CYS B 96 -15.71 -1.02 8.95
CA CYS B 96 -16.61 -1.27 10.07
C CYS B 96 -16.03 -0.81 11.40
N SER B 97 -15.05 0.10 11.36
CA SER B 97 -14.45 0.64 12.57
C SER B 97 -13.94 -0.45 13.50
N ARG B 98 -13.39 -1.52 12.90
CA ARG B 98 -12.61 -2.53 13.61
C ARG B 98 -13.45 -3.23 14.66
N LYS B 99 -14.72 -3.40 14.30
CA LYS B 99 -15.71 -4.18 15.02
C LYS B 99 -16.46 -5.05 14.01
N PHE B 100 -16.41 -6.39 14.17
CA PHE B 100 -17.39 -7.23 13.49
C PHE B 100 -18.35 -7.86 14.50
N SER B 101 -19.62 -7.95 14.11
CA SER B 101 -20.61 -8.68 14.91
C SER B 101 -20.32 -10.18 14.88
N LEU B 102 -20.86 -10.88 15.89
CA LEU B 102 -20.70 -12.32 15.97
C LEU B 102 -21.23 -12.99 14.70
N LYS B 103 -22.38 -12.53 14.23
CA LYS B 103 -22.98 -13.09 13.01
C LYS B 103 -22.03 -13.01 11.82
N THR B 104 -21.43 -11.85 11.61
CA THR B 104 -20.52 -11.71 10.50
C THR B 104 -19.28 -12.57 10.69
N VAL B 105 -18.74 -12.63 11.92
CA VAL B 105 -17.59 -13.51 12.17
C VAL B 105 -17.94 -14.97 11.85
N LEU B 106 -19.13 -15.43 12.23
CA LEU B 106 -19.47 -16.82 12.00
C LEU B 106 -19.69 -17.11 10.52
N LEU B 107 -20.31 -16.18 9.78
CA LEU B 107 -20.48 -16.36 8.35
C LEU B 107 -19.12 -16.44 7.66
N LEU B 108 -18.19 -15.57 8.07
CA LEU B 108 -16.86 -15.62 7.50
C LEU B 108 -16.14 -16.91 7.89
N ALA B 109 -16.26 -17.34 9.15
CA ALA B 109 -15.51 -18.49 9.65
C ALA B 109 -15.85 -19.72 8.84
N ASP B 110 -17.13 -19.91 8.51
CA ASP B 110 -17.50 -21.13 7.80
C ASP B 110 -16.78 -21.22 6.47
N GLN B 111 -16.75 -20.10 5.72
CA GLN B 111 -16.09 -20.11 4.41
C GLN B 111 -14.58 -20.21 4.54
N MET B 112 -14.02 -19.54 5.55
CA MET B 112 -12.57 -19.54 5.71
C MET B 112 -12.05 -20.92 6.04
N ILE B 113 -12.77 -21.67 6.89
CA ILE B 113 -12.36 -23.04 7.14
C ILE B 113 -12.37 -23.82 5.84
N SER B 114 -13.42 -23.63 5.03
CA SER B 114 -13.52 -24.39 3.79
C SER B 114 -12.44 -24.01 2.79
N ARG B 115 -12.04 -22.73 2.73
CA ARG B 115 -10.98 -22.35 1.81
C ARG B 115 -9.67 -23.04 2.16
N ILE B 116 -9.34 -23.07 3.46
CA ILE B 116 -8.14 -23.75 3.93
C ILE B 116 -8.26 -25.24 3.66
N GLU B 117 -9.42 -25.83 3.96
CA GLU B 117 -9.61 -27.25 3.67
C GLU B 117 -9.38 -27.57 2.19
N TYR B 118 -9.88 -26.74 1.29
CA TYR B 118 -9.70 -27.02 -0.11
C TYR B 118 -8.22 -27.02 -0.50
N ILE B 119 -7.47 -26.05 -0.01
CA ILE B 119 -6.05 -25.98 -0.32
C ILE B 119 -5.37 -27.25 0.16
N HIS B 120 -5.72 -27.69 1.38
CA HIS B 120 -5.11 -28.91 1.92
C HIS B 120 -5.51 -30.11 1.08
N SER B 121 -6.77 -30.14 0.60
CA SER B 121 -7.24 -31.25 -0.22
C SER B 121 -6.45 -31.38 -1.51
N LYS B 122 -5.80 -30.29 -1.96
CA LYS B 122 -4.94 -30.31 -3.12
C LYS B 122 -3.45 -30.34 -2.73
N ASN B 123 -3.17 -30.76 -1.51
CA ASN B 123 -1.86 -31.25 -1.05
C ASN B 123 -0.92 -30.15 -0.61
N PHE B 124 -1.46 -28.95 -0.43
CA PHE B 124 -0.67 -27.79 -0.04
C PHE B 124 -1.14 -27.24 1.30
N ILE B 125 -0.20 -26.58 1.98
CA ILE B 125 -0.50 -25.69 3.09
C ILE B 125 -0.21 -24.26 2.65
N HIS B 126 -0.97 -23.33 3.19
CA HIS B 126 -0.92 -21.94 2.74
C HIS B 126 0.22 -21.16 3.39
N ARG B 127 0.33 -21.25 4.72
CA ARG B 127 1.39 -20.73 5.57
C ARG B 127 1.37 -19.21 5.73
N ASP B 128 0.37 -18.50 5.21
CA ASP B 128 0.25 -17.08 5.52
C ASP B 128 -1.22 -16.64 5.65
N VAL B 129 -1.91 -17.33 6.55
CA VAL B 129 -3.31 -17.04 6.81
C VAL B 129 -3.40 -15.76 7.64
N LYS B 130 -4.00 -14.73 7.07
CA LYS B 130 -4.10 -13.42 7.70
C LYS B 130 -5.24 -12.66 7.06
N PRO B 131 -5.74 -11.60 7.72
CA PRO B 131 -6.94 -10.93 7.19
C PRO B 131 -6.76 -10.39 5.79
N ASP B 132 -5.57 -9.86 5.46
CA ASP B 132 -5.43 -9.28 4.12
C ASP B 132 -5.38 -10.30 3.01
N ASN B 133 -5.22 -11.59 3.32
CA ASN B 133 -5.20 -12.63 2.30
C ASN B 133 -6.58 -13.27 2.09
N PHE B 134 -7.63 -12.68 2.66
CA PHE B 134 -9.01 -13.03 2.31
C PHE B 134 -9.71 -11.78 1.78
N LEU B 135 -10.47 -11.93 0.71
CA LEU B 135 -11.16 -10.83 0.07
C LEU B 135 -12.56 -11.29 -0.34
N MET B 136 -13.49 -10.36 -0.34
CA MET B 136 -14.82 -10.64 -0.86
C MET B 136 -14.87 -10.48 -2.37
N GLY B 137 -15.79 -11.21 -2.99
CA GLY B 137 -16.00 -11.11 -4.42
C GLY B 137 -16.80 -9.89 -4.81
N LEU B 138 -17.05 -9.78 -6.11
CA LEU B 138 -17.75 -8.65 -6.69
C LEU B 138 -19.11 -9.06 -7.22
N GLY B 139 -20.04 -8.11 -7.19
CA GLY B 139 -21.31 -8.29 -7.87
C GLY B 139 -22.06 -9.50 -7.32
N LYS B 140 -22.38 -10.40 -8.25
CA LYS B 140 -23.03 -11.67 -7.92
C LYS B 140 -22.33 -12.37 -6.77
N LYS B 141 -21.01 -12.32 -6.75
CA LYS B 141 -20.17 -13.07 -5.83
C LYS B 141 -19.76 -12.25 -4.61
N GLY B 142 -20.55 -11.23 -4.25
CA GLY B 142 -20.20 -10.48 -3.07
C GLY B 142 -20.33 -11.25 -1.78
N ASN B 143 -21.00 -12.41 -1.80
CA ASN B 143 -21.12 -13.25 -0.62
C ASN B 143 -20.04 -14.31 -0.53
N LEU B 144 -19.10 -14.33 -1.47
CA LEU B 144 -18.07 -15.35 -1.51
C LEU B 144 -16.77 -14.80 -0.96
N VAL B 145 -16.22 -15.51 0.01
CA VAL B 145 -14.90 -15.22 0.54
C VAL B 145 -13.86 -15.92 -0.30
N TYR B 146 -12.88 -15.15 -0.80
CA TYR B 146 -11.74 -15.66 -1.53
C TYR B 146 -10.52 -15.69 -0.64
N ILE B 147 -9.62 -16.62 -0.94
CA ILE B 147 -8.29 -16.66 -0.34
C ILE B 147 -7.26 -16.45 -1.46
N ILE B 148 -6.19 -15.74 -1.14
CA ILE B 148 -5.16 -15.37 -2.10
C ILE B 148 -3.77 -15.60 -1.53
N ASP B 149 -2.79 -15.50 -2.44
CA ASP B 149 -1.34 -15.47 -2.24
C ASP B 149 -0.81 -16.85 -1.90
N PHE B 150 -0.20 -17.51 -2.88
CA PHE B 150 0.38 -18.83 -2.69
C PHE B 150 1.88 -18.81 -2.74
N GLY B 151 2.46 -17.61 -2.56
CA GLY B 151 3.90 -17.46 -2.64
C GLY B 151 4.64 -18.14 -1.51
N LEU B 152 4.00 -18.33 -0.36
CA LEU B 152 4.60 -19.07 0.74
C LEU B 152 4.07 -20.48 0.90
N ALA B 153 3.14 -20.88 0.02
CA ALA B 153 2.54 -22.21 0.11
C ALA B 153 3.55 -23.31 -0.24
N LYS B 154 3.33 -24.49 0.34
CA LYS B 154 4.25 -25.62 0.23
C LYS B 154 3.46 -26.92 0.22
N LYS B 155 3.94 -27.87 -0.56
CA LYS B 155 3.33 -29.19 -0.56
C LYS B 155 3.61 -29.87 0.76
N TYR B 156 2.58 -30.40 1.40
CA TYR B 156 2.76 -31.11 2.65
C TYR B 156 2.58 -32.62 2.53
N ARG B 157 2.14 -33.13 1.38
CA ARG B 157 2.03 -34.55 1.09
C ARG B 157 2.17 -34.75 -0.41
N ASP B 158 2.62 -35.95 -0.81
CA ASP B 158 2.80 -36.24 -2.23
C ASP B 158 1.43 -36.41 -2.90
N ALA B 159 1.29 -35.83 -4.10
CA ALA B 159 -0.01 -35.78 -4.74
C ALA B 159 -0.51 -37.16 -5.14
N ARG B 160 0.40 -38.06 -5.53
CA ARG B 160 0.02 -39.41 -5.92
C ARG B 160 -0.04 -40.33 -4.71
N THR B 161 0.88 -40.15 -3.77
CA THR B 161 1.00 -41.06 -2.64
C THR B 161 0.27 -40.60 -1.39
N HIS B 162 0.03 -39.29 -1.26
CA HIS B 162 -0.46 -38.66 -0.04
C HIS B 162 0.43 -38.93 1.18
N GLN B 163 1.69 -39.31 0.97
CA GLN B 163 2.65 -39.39 2.06
C GLN B 163 3.05 -38.00 2.57
N HIS B 164 2.98 -37.80 3.89
CA HIS B 164 3.20 -36.49 4.53
C HIS B 164 4.70 -36.16 4.57
N ILE B 165 5.01 -34.88 4.44
CA ILE B 165 6.38 -34.40 4.57
C ILE B 165 6.88 -34.73 5.96
N PRO B 166 8.19 -34.85 6.16
CA PRO B 166 8.70 -35.26 7.47
C PRO B 166 8.65 -34.15 8.50
N TYR B 167 8.60 -34.57 9.76
CA TYR B 167 8.73 -33.66 10.88
C TYR B 167 10.13 -33.08 10.95
N ARG B 168 10.22 -31.76 11.06
CA ARG B 168 11.51 -31.10 11.14
C ARG B 168 11.37 -29.90 12.09
N GLU B 169 12.51 -29.47 12.61
CA GLU B 169 12.66 -28.29 13.44
C GLU B 169 13.69 -27.36 12.82
N ASN B 170 13.89 -26.21 13.46
CA ASN B 170 14.86 -25.22 13.00
C ASN B 170 14.50 -24.68 11.63
N LYS B 171 13.21 -24.45 11.42
CA LYS B 171 12.73 -23.84 10.19
C LYS B 171 12.56 -22.35 10.44
N ASN B 172 12.93 -21.53 9.46
CA ASN B 172 12.84 -20.09 9.68
C ASN B 172 11.37 -19.69 9.59
N LEU B 173 11.04 -18.55 10.17
CA LEU B 173 9.64 -18.17 10.21
C LEU B 173 9.14 -17.82 8.81
N THR B 174 7.99 -18.40 8.44
CA THR B 174 7.32 -18.10 7.18
C THR B 174 5.95 -17.55 7.52
N GLY B 175 5.59 -16.43 6.89
CA GLY B 175 4.31 -15.77 7.08
C GLY B 175 4.39 -14.72 8.18
N THR B 176 3.22 -14.18 8.52
CA THR B 176 3.18 -13.08 9.49
C THR B 176 3.44 -13.60 10.89
N ALA B 177 4.21 -12.83 11.66
CA ALA B 177 4.37 -13.17 13.07
C ALA B 177 3.06 -13.06 13.82
N CYS B 178 2.26 -12.04 13.49
CA CYS B 178 1.06 -11.75 14.27
C CYS B 178 0.12 -12.94 14.31
N TYR B 179 -0.07 -13.62 13.18
CA TYR B 179 -1.04 -14.69 13.09
C TYR B 179 -0.41 -16.08 13.05
N ALA B 180 0.90 -16.16 13.26
CA ALA B 180 1.58 -17.43 13.19
C ALA B 180 1.15 -18.35 14.33
N SER B 181 1.16 -19.64 14.06
CA SER B 181 0.96 -20.62 15.11
C SER B 181 2.13 -20.60 16.09
N ILE B 182 1.87 -21.09 17.30
CA ILE B 182 2.95 -21.12 18.29
C ILE B 182 4.09 -22.01 17.83
N ASN B 183 3.77 -23.16 17.24
CA ASN B 183 4.83 -24.02 16.72
C ASN B 183 5.66 -23.31 15.65
N THR B 184 5.03 -22.46 14.83
CA THR B 184 5.79 -21.66 13.87
C THR B 184 6.81 -20.80 14.57
N HIS B 185 6.43 -20.14 15.66
CA HIS B 185 7.41 -19.36 16.41
C HIS B 185 8.55 -20.22 16.93
N LEU B 186 8.29 -21.49 17.21
CA LEU B 186 9.28 -22.42 17.75
C LEU B 186 10.14 -23.05 16.66
N GLY B 187 9.93 -22.69 15.40
CA GLY B 187 10.77 -23.21 14.34
C GLY B 187 10.38 -24.59 13.87
N ILE B 188 9.14 -25.03 14.14
CA ILE B 188 8.70 -26.37 13.75
C ILE B 188 8.10 -26.29 12.36
N GLU B 189 8.40 -27.28 11.52
CA GLU B 189 7.79 -27.36 10.20
C GLU B 189 6.29 -27.19 10.31
N GLN B 190 5.73 -26.32 9.47
CA GLN B 190 4.30 -26.09 9.44
C GLN B 190 3.58 -27.26 8.73
N SER B 191 2.36 -27.52 9.17
CA SER B 191 1.48 -28.50 8.55
C SER B 191 0.03 -27.99 8.59
N ARG B 192 -0.92 -28.88 8.32
CA ARG B 192 -2.30 -28.44 8.15
C ARG B 192 -2.82 -27.73 9.40
N ARG B 193 -2.44 -28.23 10.58
CA ARG B 193 -2.90 -27.67 11.83
C ARG B 193 -2.54 -26.19 11.96
N ASP B 194 -1.40 -25.78 11.41
CA ASP B 194 -0.96 -24.40 11.61
C ASP B 194 -1.78 -23.42 10.82
N ASP B 195 -2.16 -23.76 9.59
CA ASP B 195 -3.09 -22.89 8.88
C ASP B 195 -4.37 -22.65 9.70
N LEU B 196 -4.91 -23.71 10.31
CA LEU B 196 -6.16 -23.57 11.02
C LEU B 196 -5.97 -22.82 12.33
N GLU B 197 -4.84 -23.03 13.01
CA GLU B 197 -4.58 -22.24 14.21
C GLU B 197 -4.52 -20.75 13.87
N SER B 198 -3.81 -20.42 12.79
CA SER B 198 -3.72 -19.03 12.35
C SER B 198 -5.10 -18.44 12.09
N LEU B 199 -5.98 -19.21 11.46
CA LEU B 199 -7.35 -18.74 11.27
C LEU B 199 -8.04 -18.47 12.60
N GLY B 200 -7.80 -19.30 13.61
CA GLY B 200 -8.35 -19.01 14.92
C GLY B 200 -7.93 -17.67 15.48
N TYR B 201 -6.68 -17.27 15.26
CA TYR B 201 -6.25 -15.94 15.71
C TYR B 201 -6.90 -14.84 14.89
N VAL B 202 -7.09 -15.06 13.58
CA VAL B 202 -7.81 -14.11 12.74
C VAL B 202 -9.24 -13.91 13.25
N LEU B 203 -9.92 -14.99 13.60
CA LEU B 203 -11.29 -14.86 14.09
C LEU B 203 -11.33 -14.09 15.42
N MET B 204 -10.42 -14.37 16.35
CA MET B 204 -10.40 -13.62 17.60
C MET B 204 -9.99 -12.17 17.39
N TYR B 205 -9.13 -11.90 16.41
CA TYR B 205 -8.82 -10.51 16.04
C TYR B 205 -10.08 -9.78 15.64
N PHE B 206 -10.88 -10.41 14.79
CA PHE B 206 -12.14 -9.80 14.36
C PHE B 206 -13.08 -9.58 15.53
N ASN B 207 -13.11 -10.54 16.48
CA ASN B 207 -13.96 -10.43 17.65
C ASN B 207 -13.50 -9.31 18.58
N LEU B 208 -12.19 -9.14 18.75
CA LEU B 208 -11.66 -8.23 19.76
C LEU B 208 -11.37 -6.84 19.23
N GLY B 209 -11.07 -6.72 17.93
CA GLY B 209 -10.54 -5.50 17.34
C GLY B 209 -9.02 -5.42 17.29
N SER B 210 -8.33 -6.29 18.00
CA SER B 210 -6.88 -6.31 18.10
C SER B 210 -6.55 -7.62 18.81
N LEU B 211 -5.36 -8.03 18.72
CA LEU B 211 -4.88 -9.14 19.51
C LEU B 211 -3.91 -8.63 20.58
N PRO B 212 -3.79 -9.32 21.71
CA PRO B 212 -3.01 -8.77 22.84
C PRO B 212 -1.55 -8.60 22.53
N TRP B 213 -1.05 -9.27 21.50
CA TRP B 213 0.35 -9.18 21.10
C TRP B 213 0.52 -8.24 19.92
N GLN B 214 -0.51 -7.51 19.55
CA GLN B 214 -0.38 -6.45 18.55
C GLN B 214 -0.01 -5.14 19.21
N GLY B 215 0.84 -4.39 18.53
CA GLY B 215 1.45 -3.20 19.12
C GLY B 215 2.84 -3.54 19.66
N ALA B 219 13.22 -1.36 18.74
CA ALA B 219 12.03 -1.88 18.07
C ALA B 219 12.42 -2.55 16.75
N THR B 220 13.39 -3.47 16.83
CA THR B 220 13.99 -4.05 15.64
C THR B 220 13.11 -5.15 15.06
N LYS B 221 13.61 -5.80 14.00
CA LYS B 221 12.75 -6.62 13.14
C LYS B 221 12.36 -7.96 13.78
N ARG B 222 13.35 -8.80 14.09
CA ARG B 222 13.12 -10.07 14.75
C ARG B 222 12.86 -9.91 16.24
N GLN B 223 13.29 -8.78 16.81
CA GLN B 223 13.06 -8.44 18.24
C GLN B 223 11.55 -8.38 18.47
N LYS B 224 10.84 -7.74 17.54
CA LYS B 224 9.36 -7.58 17.55
C LYS B 224 8.71 -8.97 17.43
N TYR B 225 9.26 -9.82 16.55
CA TYR B 225 8.79 -11.20 16.30
C TYR B 225 8.87 -11.99 17.61
N GLU B 226 9.99 -11.86 18.34
CA GLU B 226 10.16 -12.52 19.64
C GLU B 226 9.18 -11.99 20.67
N ARG B 227 8.90 -10.68 20.67
CA ARG B 227 7.94 -10.11 21.61
C ARG B 227 6.55 -10.66 21.37
N ILE B 228 6.13 -10.73 20.10
CA ILE B 228 4.86 -11.37 19.76
C ILE B 228 4.86 -12.79 20.25
N SER B 229 5.98 -13.49 20.03
CA SER B 229 6.13 -14.88 20.45
C SER B 229 5.86 -15.02 21.94
N GLU B 230 6.49 -14.16 22.74
CA GLU B 230 6.43 -14.30 24.18
C GLU B 230 5.02 -14.00 24.70
N LYS B 231 4.39 -12.94 24.20
CA LYS B 231 3.03 -12.63 24.65
C LYS B 231 2.03 -13.69 24.20
N LYS B 232 2.15 -14.16 22.96
CA LYS B 232 1.23 -15.18 22.46
C LYS B 232 1.36 -16.47 23.26
N MET B 233 2.60 -16.91 23.49
CA MET B 233 2.85 -18.12 24.26
C MET B 233 2.45 -17.94 25.71
N SER B 234 2.42 -16.71 26.20
CA SER B 234 2.12 -16.40 27.59
C SER B 234 0.64 -16.17 27.85
N THR B 235 -0.19 -16.18 26.81
CA THR B 235 -1.61 -15.87 26.95
C THR B 235 -2.43 -17.14 26.75
N PRO B 236 -3.01 -17.70 27.81
CA PRO B 236 -3.83 -18.91 27.60
C PRO B 236 -4.98 -18.64 26.65
N ILE B 237 -5.35 -19.66 25.85
CA ILE B 237 -6.49 -19.52 24.95
C ILE B 237 -7.72 -19.07 25.72
N GLU B 238 -7.89 -19.60 26.94
CA GLU B 238 -9.07 -19.24 27.73
C GLU B 238 -9.04 -17.78 28.21
N VAL B 239 -7.87 -17.17 28.34
CA VAL B 239 -7.74 -15.75 28.61
C VAL B 239 -8.02 -14.94 27.35
N LEU B 240 -7.38 -15.32 26.24
CA LEU B 240 -7.62 -14.66 24.95
C LEU B 240 -9.09 -14.60 24.59
N CYS B 241 -9.83 -15.70 24.82
CA CYS B 241 -11.20 -15.85 24.38
C CYS B 241 -12.20 -15.58 25.49
N LYS B 242 -11.74 -15.14 26.65
CA LYS B 242 -12.65 -14.82 27.78
C LYS B 242 -13.76 -13.88 27.32
N GLY B 243 -14.99 -14.20 27.72
CA GLY B 243 -16.13 -13.37 27.38
C GLY B 243 -16.69 -13.56 25.98
N TYR B 244 -16.17 -14.50 25.19
CA TYR B 244 -16.70 -14.83 23.87
C TYR B 244 -17.22 -16.25 23.89
N PRO B 245 -18.11 -16.60 22.96
CA PRO B 245 -18.65 -17.96 22.95
C PRO B 245 -17.55 -19.00 23.01
N SER B 246 -17.79 -20.04 23.82
CA SER B 246 -16.77 -21.04 24.08
C SER B 246 -16.27 -21.72 22.82
N GLU B 247 -17.01 -21.79 21.81
CA GLU B 247 -16.55 -22.28 20.51
C GLU B 247 -15.25 -21.64 20.05
N PHE B 248 -14.98 -20.47 20.27
CA PHE B 248 -13.72 -19.91 19.79
C PHE B 248 -12.52 -20.50 20.53
N ALA B 249 -12.64 -20.65 21.84
CA ALA B 249 -11.60 -21.34 22.59
C ALA B 249 -11.52 -22.80 22.18
N THR B 250 -12.66 -23.45 21.96
CA THR B 250 -12.64 -24.86 21.56
C THR B 250 -11.90 -25.01 20.23
N TYR B 251 -12.24 -24.15 19.27
CA TYR B 251 -11.60 -24.12 17.96
C TYR B 251 -10.07 -24.03 18.11
N LEU B 252 -9.62 -23.05 18.87
CA LEU B 252 -8.17 -22.85 18.99
C LEU B 252 -7.49 -24.02 19.70
N ASN B 253 -8.09 -24.52 20.79
CA ASN B 253 -7.53 -25.68 21.47
C ASN B 253 -7.49 -26.90 20.57
N PHE B 254 -8.54 -27.10 19.75
CA PHE B 254 -8.58 -28.25 18.83
C PHE B 254 -7.41 -28.18 17.84
N CYS B 255 -7.16 -27.01 17.28
CA CYS B 255 -6.11 -26.84 16.28
C CYS B 255 -4.72 -26.99 16.90
N ARG B 256 -4.55 -26.44 18.11
CA ARG B 256 -3.26 -26.52 18.78
C ARG B 256 -2.90 -27.93 19.20
N SER B 257 -3.89 -28.81 19.44
CA SER B 257 -3.65 -30.17 19.93
C SER B 257 -3.57 -31.21 18.80
N LEU B 258 -3.75 -30.79 17.54
CA LEU B 258 -3.59 -31.68 16.40
C LEU B 258 -2.14 -32.13 16.31
N ARG B 259 -1.91 -33.40 15.97
CA ARG B 259 -0.53 -33.84 15.72
C ARG B 259 -0.01 -33.30 14.39
N PHE B 260 1.33 -33.27 14.27
CA PHE B 260 1.96 -32.73 13.07
C PHE B 260 1.30 -33.25 11.80
N ASP B 261 1.13 -34.57 11.69
CA ASP B 261 0.61 -35.14 10.46
C ASP B 261 -0.88 -35.48 10.53
N ASP B 262 -1.57 -35.05 11.59
CA ASP B 262 -3.01 -35.33 11.70
C ASP B 262 -3.80 -34.68 10.58
N LYS B 263 -4.81 -35.39 10.09
CA LYS B 263 -5.84 -34.79 9.25
C LYS B 263 -6.87 -34.07 10.11
N PRO B 264 -7.07 -32.76 9.96
CA PRO B 264 -8.05 -32.01 10.77
C PRO B 264 -9.49 -32.44 10.44
N ASP B 265 -10.34 -32.45 11.47
CA ASP B 265 -11.77 -32.71 11.27
C ASP B 265 -12.44 -31.37 10.97
N TYR B 266 -12.31 -30.94 9.71
CA TYR B 266 -12.85 -29.66 9.27
C TYR B 266 -14.34 -29.59 9.53
N SER B 267 -15.04 -30.73 9.38
CA SER B 267 -16.47 -30.78 9.57
C SER B 267 -16.84 -30.44 11.02
N TYR B 268 -16.11 -31.00 12.00
CA TYR B 268 -16.33 -30.65 13.40
C TYR B 268 -16.14 -29.16 13.62
N LEU B 269 -15.10 -28.58 13.05
CA LEU B 269 -14.85 -27.16 13.29
C LEU B 269 -15.96 -26.29 12.68
N ARG B 270 -16.39 -26.58 11.46
CA ARG B 270 -17.53 -25.87 10.91
C ARG B 270 -18.77 -26.08 11.78
N GLN B 271 -18.98 -27.30 12.28
CA GLN B 271 -20.19 -27.54 13.03
C GLN B 271 -20.19 -26.77 14.33
N LEU B 272 -19.03 -26.55 14.94
CA LEU B 272 -19.02 -25.74 16.16
C LEU B 272 -19.66 -24.39 15.91
N PHE B 273 -19.24 -23.73 14.83
CA PHE B 273 -19.71 -22.39 14.55
C PHE B 273 -21.11 -22.41 13.98
N ARG B 274 -21.47 -23.43 13.19
CA ARG B 274 -22.81 -23.57 12.64
C ARG B 274 -23.83 -23.74 13.76
N ASN B 275 -23.50 -24.55 14.77
CA ASN B 275 -24.42 -24.76 15.87
C ASN B 275 -24.58 -23.50 16.70
N LEU B 276 -23.50 -22.76 16.89
CA LEU B 276 -23.58 -21.48 17.59
C LEU B 276 -24.47 -20.50 16.82
N PHE B 277 -24.30 -20.42 15.49
CA PHE B 277 -25.11 -19.55 14.64
C PHE B 277 -26.59 -19.84 14.85
N HIS B 278 -26.95 -21.13 14.79
CA HIS B 278 -28.33 -21.66 14.92
C HIS B 278 -28.87 -21.38 16.33
N ARG B 279 -28.00 -21.42 17.35
CA ARG B 279 -28.36 -21.21 18.77
C ARG B 279 -28.60 -19.72 19.04
N GLN B 280 -27.89 -18.83 18.34
CA GLN B 280 -28.05 -17.40 18.51
C GLN B 280 -29.24 -16.84 17.73
N GLY B 281 -29.90 -17.67 16.94
CA GLY B 281 -31.05 -17.22 16.16
C GLY B 281 -30.72 -16.46 14.90
N PHE B 282 -29.49 -16.54 14.41
CA PHE B 282 -29.16 -15.80 13.21
C PHE B 282 -29.73 -16.50 11.97
N SER B 283 -29.88 -15.74 10.89
CA SER B 283 -30.38 -16.25 9.61
C SER B 283 -29.33 -16.09 8.52
N TYR B 284 -29.35 -17.01 7.55
CA TYR B 284 -28.38 -16.97 6.44
C TYR B 284 -28.85 -16.00 5.35
N ASP B 285 -28.87 -14.70 5.67
CA ASP B 285 -29.31 -13.69 4.71
C ASP B 285 -28.14 -12.93 4.12
N TYR B 286 -26.92 -13.27 4.53
CA TYR B 286 -25.69 -12.65 4.05
C TYR B 286 -25.77 -11.13 4.12
N VAL B 287 -26.42 -10.63 5.16
CA VAL B 287 -26.34 -9.20 5.50
C VAL B 287 -25.18 -9.11 6.49
N PHE B 288 -24.01 -8.81 5.93
CA PHE B 288 -22.80 -8.65 6.73
C PHE B 288 -22.79 -7.25 7.34
N ASP B 289 -21.90 -7.03 8.30
CA ASP B 289 -21.84 -5.72 8.93
C ASP B 289 -21.67 -4.60 7.92
N TRP B 290 -20.86 -4.84 6.89
CA TRP B 290 -20.62 -3.79 5.93
C TRP B 290 -21.77 -3.52 4.99
N ASN B 291 -22.78 -4.39 4.96
CA ASN B 291 -24.00 -4.13 4.22
C ASN B 291 -24.94 -3.19 4.96
N MET B 292 -24.65 -2.87 6.22
CA MET B 292 -25.47 -1.94 6.99
C MET B 292 -24.86 -0.55 7.12
N LEU B 293 -23.71 -0.31 6.51
CA LEU B 293 -23.15 1.03 6.43
C LEU B 293 -23.45 1.66 5.07
N LYS B 294 -23.26 2.97 4.97
CA LYS B 294 -23.22 3.64 3.67
C LYS B 294 -22.68 5.06 3.83
S SO4 C . 5.59 37.44 -3.90
O1 SO4 C . 6.87 37.34 -3.20
O2 SO4 C . 4.48 37.18 -2.95
O3 SO4 C . 5.41 38.80 -4.42
O4 SO4 C . 5.64 36.53 -5.04
S SO4 D . 10.02 29.75 -18.51
O1 SO4 D . 10.73 28.51 -18.18
O2 SO4 D . 9.39 30.31 -17.31
O3 SO4 D . 10.99 30.73 -19.01
O4 SO4 D . 9.03 29.47 -19.55
S SO4 E . 10.47 -24.15 3.17
O1 SO4 E . 11.87 -23.93 3.55
O2 SO4 E . 9.76 -24.63 4.35
O3 SO4 E . 9.92 -22.90 2.68
O4 SO4 E . 10.38 -25.15 2.10
S SO4 F . -19.54 -30.42 7.01
O1 SO4 F . -18.26 -30.99 6.61
O2 SO4 F . -20.12 -31.18 8.14
O3 SO4 F . -19.36 -29.02 7.44
O4 SO4 F . -20.46 -30.37 5.93
S SO4 G . -4.56 -37.48 5.06
O1 SO4 G . -5.16 -38.78 4.79
O2 SO4 G . -3.81 -37.56 6.31
O3 SO4 G . -5.60 -36.46 5.16
O4 SO4 G . -3.61 -37.12 4.01
#